data_6COV
#
_entry.id   6COV
#
_entity_poly.entity_id   1
_entity_poly.type   'polypeptide(L)'
_entity_poly.pdbx_seq_one_letter_code
;EMRISRIILDFLF(DLE)RKK
;
_entity_poly.pdbx_strand_id   A
#
# COMPACT_ATOMS: atom_id res chain seq x y z
N GLU A 1 -6.77 -8.44 1.63
CA GLU A 1 -6.01 -9.06 2.74
C GLU A 1 -4.57 -9.27 2.34
N MET A 2 -3.72 -8.26 2.61
CA MET A 2 -2.33 -8.36 2.25
C MET A 2 -1.52 -7.78 3.32
N ARG A 3 -0.27 -8.01 3.07
CA ARG A 3 0.80 -7.61 3.81
C ARG A 3 1.37 -6.46 3.16
N ILE A 4 2.66 -6.32 3.41
CA ILE A 4 3.54 -5.33 2.90
C ILE A 4 3.20 -4.85 1.53
N SER A 5 2.37 -5.59 0.86
CA SER A 5 1.92 -5.29 -0.45
C SER A 5 1.21 -4.02 -0.40
N ARG A 6 0.47 -3.95 0.68
CA ARG A 6 -0.38 -2.89 0.99
C ARG A 6 0.49 -1.75 1.31
N ILE A 7 1.72 -2.10 1.67
CA ILE A 7 2.66 -1.15 2.09
C ILE A 7 3.39 -0.65 0.93
N ILE A 8 3.41 -1.47 -0.07
CA ILE A 8 4.07 -1.09 -1.27
C ILE A 8 3.17 -0.18 -1.87
N LEU A 9 1.96 -0.59 -1.75
CA LEU A 9 0.85 0.11 -2.19
C LEU A 9 0.82 1.40 -1.58
N ASP A 10 1.24 1.44 -0.40
CA ASP A 10 1.26 2.66 0.21
C ASP A 10 2.33 3.44 -0.49
N PHE A 11 3.33 2.79 -0.92
CA PHE A 11 4.44 3.48 -1.53
C PHE A 11 4.12 3.75 -2.90
N LEU A 12 3.05 3.17 -3.26
CA LEU A 12 2.61 3.26 -4.54
C LEU A 12 1.71 4.40 -4.67
N PHE A 13 0.88 4.54 -3.66
CA PHE A 13 -0.14 5.52 -3.72
C PHE A 13 -0.25 6.23 -2.45
N DLE A 14 0.12 5.56 -1.34
CA DLE A 14 -0.04 6.17 -0.05
CB DLE A 14 1.05 6.09 0.94
CG DLE A 14 2.20 6.82 0.42
CD1 DLE A 14 1.87 8.30 0.48
CD2 DLE A 14 3.48 6.37 1.09
C DLE A 14 -1.13 5.53 0.56
O DLE A 14 -1.32 5.59 1.77
H DLE A 14 0.54 4.65 -1.37
HA DLE A 14 -0.30 7.16 -0.24
HB2 DLE A 14 0.70 6.56 1.89
HB3 DLE A 14 1.32 5.04 1.12
HG DLE A 14 2.25 6.53 -0.64
HD11 DLE A 14 0.76 8.41 0.65
HD12 DLE A 14 2.14 8.79 -0.47
HD13 DLE A 14 2.41 8.78 1.32
HD21 DLE A 14 3.28 5.41 1.62
HD22 DLE A 14 3.85 7.13 1.80
HD23 DLE A 14 4.26 6.17 0.31
N ARG A 15 -1.83 4.86 -0.29
CA ARG A 15 -2.99 4.21 0.11
C ARG A 15 -3.82 5.21 0.84
N LYS A 16 -3.55 6.42 0.36
CA LYS A 16 -4.09 7.63 0.87
C LYS A 16 -5.15 8.06 -0.07
N LYS A 17 -5.20 7.40 -1.23
CA LYS A 17 -6.17 7.73 -2.22
C LYS A 17 -6.86 6.44 -2.67
N GLU A 1 -3.78 -10.09 6.70
CA GLU A 1 -4.00 -8.66 7.04
C GLU A 1 -3.70 -7.77 5.87
N MET A 2 -2.55 -8.02 5.21
CA MET A 2 -2.19 -7.21 4.06
C MET A 2 -1.41 -7.97 3.18
N ARG A 3 -1.44 -7.38 2.02
CA ARG A 3 -0.66 -7.77 1.00
C ARG A 3 0.39 -6.81 1.03
N ILE A 4 1.53 -7.37 1.25
CA ILE A 4 2.74 -6.67 1.42
C ILE A 4 2.96 -5.74 0.32
N SER A 5 2.14 -5.90 -0.66
CA SER A 5 2.20 -5.19 -1.83
C SER A 5 1.47 -3.95 -1.73
N ARG A 6 0.37 -4.10 -1.06
CA ARG A 6 -0.56 -3.09 -0.88
C ARG A 6 0.07 -2.11 0.02
N ILE A 7 1.11 -2.60 0.67
CA ILE A 7 1.83 -1.88 1.63
C ILE A 7 2.82 -1.08 0.96
N ILE A 8 3.23 -1.58 -0.16
CA ILE A 8 4.21 -0.89 -0.92
C ILE A 8 3.48 0.17 -1.50
N LEU A 9 2.35 -0.24 -1.94
CA LEU A 9 1.39 0.59 -2.53
C LEU A 9 1.06 1.65 -1.63
N ASP A 10 1.04 1.32 -0.42
CA ASP A 10 0.74 2.29 0.48
C ASP A 10 1.86 3.27 0.44
N PHE A 11 3.03 2.77 0.21
CA PHE A 11 4.21 3.60 0.23
C PHE A 11 4.37 4.23 -1.05
N LEU A 12 3.57 3.76 -1.92
CA LEU A 12 3.64 4.18 -3.21
C LEU A 12 2.79 5.34 -3.41
N PHE A 13 1.62 5.23 -2.80
CA PHE A 13 0.63 6.20 -3.02
C PHE A 13 0.07 6.64 -1.77
N DLE A 14 0.08 5.77 -0.77
CA DLE A 14 -0.55 6.11 0.45
CB DLE A 14 0.33 6.19 1.70
CG DLE A 14 0.22 5.02 2.64
CD1 DLE A 14 1.59 4.76 3.22
CD2 DLE A 14 -0.86 5.25 3.69
C DLE A 14 -1.70 5.22 0.59
O DLE A 14 -2.35 5.11 1.62
H DLE A 14 0.52 4.86 -0.83
HA DLE A 14 -0.94 7.04 0.26
HB2 DLE A 14 1.38 6.27 1.38
HB3 DLE A 14 0.04 7.11 2.25
HG DLE A 14 -0.08 4.13 2.03
HD11 DLE A 14 1.83 5.51 4.00
HD12 DLE A 14 2.36 4.84 2.40
HD13 DLE A 14 1.63 3.75 3.66
HD21 DLE A 14 -1.55 4.37 3.71
HD22 DLE A 14 -1.46 6.14 3.42
HD23 DLE A 14 -0.41 5.38 4.69
N ARG A 15 -2.00 4.59 -0.55
CA ARG A 15 -3.19 3.78 -0.66
C ARG A 15 -4.30 4.59 -0.11
N LYS A 16 -4.06 5.87 -0.31
CA LYS A 16 -4.86 6.94 0.15
C LYS A 16 -5.42 7.62 -1.05
N LYS A 17 -5.10 7.07 -2.23
CA LYS A 17 -5.55 7.67 -3.43
C LYS A 17 -6.16 6.58 -4.32
N GLU A 1 -6.11 -8.45 4.14
CA GLU A 1 -6.03 -8.99 2.75
C GLU A 1 -4.60 -9.19 2.36
N MET A 2 -3.74 -8.19 2.62
CA MET A 2 -2.35 -8.29 2.26
C MET A 2 -1.54 -7.73 3.34
N ARG A 3 -0.29 -7.97 3.08
CA ARG A 3 0.80 -7.58 3.81
C ARG A 3 1.37 -6.44 3.16
N ILE A 4 2.67 -6.31 3.41
CA ILE A 4 3.55 -5.32 2.90
C ILE A 4 3.20 -4.84 1.53
N SER A 5 2.37 -5.57 0.85
CA SER A 5 1.93 -5.28 -0.45
C SER A 5 1.21 -4.01 -0.41
N ARG A 6 0.47 -3.93 0.67
CA ARG A 6 -0.38 -2.87 0.97
C ARG A 6 0.50 -1.73 1.30
N ILE A 7 1.72 -2.08 1.65
CA ILE A 7 2.67 -1.14 2.07
C ILE A 7 3.40 -0.64 0.92
N ILE A 8 3.42 -1.46 -0.09
CA ILE A 8 4.09 -1.07 -1.29
C ILE A 8 3.19 -0.17 -1.88
N LEU A 9 1.98 -0.57 -1.76
CA LEU A 9 0.86 0.12 -2.20
C LEU A 9 0.83 1.40 -1.60
N ASP A 10 1.26 1.45 -0.43
CA ASP A 10 1.27 2.68 0.18
C ASP A 10 2.35 3.46 -0.50
N PHE A 11 3.33 2.81 -0.95
CA PHE A 11 4.44 3.49 -1.55
C PHE A 11 4.12 3.76 -2.92
N LEU A 12 3.04 3.17 -3.28
CA LEU A 12 2.60 3.28 -4.56
C LEU A 12 1.69 4.42 -4.67
N PHE A 13 0.88 4.54 -3.64
CA PHE A 13 -0.14 5.53 -3.69
C PHE A 13 -0.26 6.20 -2.40
N DLE A 14 0.09 5.51 -1.31
CA DLE A 14 -0.08 6.10 -0.01
CB DLE A 14 1.01 6.03 0.98
CG DLE A 14 2.12 6.82 0.48
CD1 DLE A 14 1.73 8.28 0.61
CD2 DLE A 14 3.43 6.40 1.10
C DLE A 14 -1.17 5.44 0.60
O DLE A 14 -1.38 5.47 1.81
H DLE A 14 0.49 4.58 -1.35
HA DLE A 14 -0.36 7.08 -0.19
HB2 DLE A 14 0.65 6.46 1.95
HB3 DLE A 14 1.32 4.99 1.13
HG DLE A 14 2.17 6.57 -0.60
HD11 DLE A 14 2.25 8.75 1.46
HD12 DLE A 14 0.62 8.35 0.77
HD13 DLE A 14 1.98 8.82 -0.33
HD21 DLE A 14 3.24 5.59 1.84
HD22 DLE A 14 3.93 7.25 1.60
HD23 DLE A 14 4.10 5.98 0.32
N ARG A 15 -1.88 4.78 -0.27
CA ARG A 15 -3.04 4.11 0.12
C ARG A 15 -3.86 5.09 0.89
N LYS A 16 -3.62 6.29 0.43
CA LYS A 16 -4.17 7.49 0.94
C LYS A 16 -5.21 7.92 -0.01
N LYS A 17 -5.10 7.39 -1.24
CA LYS A 17 -6.02 7.73 -2.27
C LYS A 17 -6.32 6.47 -3.09
N GLU A 1 -2.97 -8.50 8.11
CA GLU A 1 -4.01 -8.62 7.06
C GLU A 1 -3.68 -7.73 5.88
N MET A 2 -2.59 -8.05 5.17
CA MET A 2 -2.19 -7.26 4.04
C MET A 2 -1.40 -8.03 3.17
N ARG A 3 -1.42 -7.47 1.99
CA ARG A 3 -0.63 -7.86 1.00
C ARG A 3 0.38 -6.87 1.01
N ILE A 4 1.54 -7.38 1.27
CA ILE A 4 2.74 -6.65 1.44
C ILE A 4 2.96 -5.72 0.35
N SER A 5 2.15 -5.90 -0.64
CA SER A 5 2.20 -5.18 -1.82
C SER A 5 1.47 -3.95 -1.72
N ARG A 6 0.38 -4.10 -1.05
CA ARG A 6 -0.56 -3.09 -0.86
C ARG A 6 0.07 -2.11 0.05
N ILE A 7 1.11 -2.60 0.70
CA ILE A 7 1.83 -1.86 1.64
C ILE A 7 2.82 -1.06 0.97
N ILE A 8 3.24 -1.57 -0.15
CA ILE A 8 4.20 -0.88 -0.92
C ILE A 8 3.48 0.17 -1.51
N LEU A 9 2.34 -0.23 -1.93
CA LEU A 9 1.38 0.59 -2.52
C LEU A 9 1.04 1.65 -1.63
N ASP A 10 1.04 1.32 -0.42
CA ASP A 10 0.74 2.30 0.49
C ASP A 10 1.86 3.28 0.43
N PHE A 11 3.02 2.79 0.21
CA PHE A 11 4.20 3.61 0.21
C PHE A 11 4.36 4.24 -1.06
N LEU A 12 3.56 3.76 -1.93
CA LEU A 12 3.62 4.18 -3.22
C LEU A 12 2.76 5.33 -3.43
N PHE A 13 1.62 5.22 -2.81
CA PHE A 13 0.62 6.19 -3.03
C PHE A 13 0.05 6.65 -1.78
N DLE A 14 0.08 5.77 -0.78
CA DLE A 14 -0.55 6.12 0.44
CB DLE A 14 0.33 6.21 1.69
CG DLE A 14 0.22 5.04 2.63
CD1 DLE A 14 1.60 4.78 3.21
CD2 DLE A 14 -0.85 5.27 3.68
C DLE A 14 -1.69 5.23 0.59
O DLE A 14 -2.34 5.13 1.62
H DLE A 14 0.52 4.87 -0.84
HA DLE A 14 -0.95 7.05 0.26
HB2 DLE A 14 1.39 6.29 1.37
HB3 DLE A 14 0.05 7.13 2.23
HG DLE A 14 -0.07 4.16 2.03
HD11 DLE A 14 1.84 5.53 3.98
HD12 DLE A 14 2.36 4.85 2.39
HD13 DLE A 14 1.63 3.78 3.65
HD21 DLE A 14 -0.40 5.41 4.68
HD22 DLE A 14 -1.54 4.39 3.71
HD23 DLE A 14 -1.45 6.17 3.42
N ARG A 15 -2.02 4.60 -0.55
CA ARG A 15 -3.19 3.79 -0.66
C ARG A 15 -4.31 4.61 -0.10
N LYS A 16 -4.06 5.88 -0.31
CA LYS A 16 -4.87 6.96 0.15
C LYS A 16 -5.40 7.63 -1.06
N LYS A 17 -5.10 7.07 -2.23
CA LYS A 17 -5.52 7.67 -3.44
C LYS A 17 -6.23 6.60 -4.29
N GLU A 1 -6.61 -7.74 1.90
CA GLU A 1 -6.08 -9.01 2.46
C GLU A 1 -4.63 -9.19 2.06
N MET A 2 -3.75 -8.34 2.61
CA MET A 2 -2.35 -8.44 2.29
C MET A 2 -1.57 -7.82 3.36
N ARG A 3 -0.31 -8.03 3.11
CA ARG A 3 0.76 -7.60 3.86
C ARG A 3 1.32 -6.45 3.20
N ILE A 4 2.62 -6.31 3.45
CA ILE A 4 3.51 -5.33 2.95
C ILE A 4 3.18 -4.84 1.58
N SER A 5 2.34 -5.56 0.91
CA SER A 5 1.90 -5.26 -0.39
C SER A 5 1.20 -3.98 -0.34
N ARG A 6 0.47 -3.89 0.75
CA ARG A 6 -0.36 -2.81 1.07
C ARG A 6 0.52 -1.69 1.38
N ILE A 7 1.76 -2.06 1.71
CA ILE A 7 2.73 -1.13 2.12
C ILE A 7 3.44 -0.65 0.96
N ILE A 8 3.41 -1.46 -0.05
CA ILE A 8 4.06 -1.08 -1.26
C ILE A 8 3.15 -0.17 -1.85
N LEU A 9 1.95 -0.57 -1.71
CA LEU A 9 0.82 0.13 -2.14
C LEU A 9 0.82 1.43 -1.55
N ASP A 10 1.25 1.46 -0.37
CA ASP A 10 1.28 2.68 0.25
C ASP A 10 2.31 3.50 -0.47
N PHE A 11 3.31 2.84 -0.93
CA PHE A 11 4.40 3.52 -1.56
C PHE A 11 4.09 3.76 -2.94
N LEU A 12 3.02 3.14 -3.29
CA LEU A 12 2.60 3.20 -4.58
C LEU A 12 1.73 4.33 -4.78
N PHE A 13 0.89 4.51 -3.79
CA PHE A 13 -0.13 5.49 -3.89
C PHE A 13 -0.18 6.30 -2.70
N DLE A 14 0.15 5.70 -1.57
CA DLE A 14 0.02 6.41 -0.35
CB DLE A 14 1.30 6.77 0.40
CG DLE A 14 1.60 5.92 1.60
CD1 DLE A 14 3.10 5.71 1.66
CD2 DLE A 14 1.02 6.51 2.87
C DLE A 14 -0.97 5.70 0.44
O DLE A 14 -1.13 5.88 1.64
H DLE A 14 0.51 4.76 -1.52
HA DLE A 14 -0.44 7.28 -0.64
HB2 DLE A 14 2.15 6.67 -0.30
HB3 DLE A 14 1.23 7.82 0.73
HG DLE A 14 1.13 4.93 1.43
HD11 DLE A 14 3.34 4.87 2.32
HD12 DLE A 14 3.60 6.63 2.04
HD13 DLE A 14 3.48 5.49 0.64
HD21 DLE A 14 0.44 5.73 3.41
HD22 DLE A 14 0.31 7.33 2.59
HD23 DLE A 14 1.80 6.90 3.53
N ARG A 15 -1.73 4.86 -0.28
CA ARG A 15 -2.86 4.17 0.31
C ARG A 15 -3.61 5.17 1.09
N LYS A 16 -3.52 6.33 0.48
CA LYS A 16 -4.06 7.55 0.95
C LYS A 16 -5.08 7.99 -0.02
N LYS A 17 -5.32 7.14 -1.04
CA LYS A 17 -6.26 7.49 -2.04
C LYS A 17 -7.20 6.30 -2.26
N GLU A 1 -6.15 -8.71 4.21
CA GLU A 1 -6.06 -8.67 2.73
C GLU A 1 -4.65 -8.94 2.27
N MET A 2 -3.72 -8.06 2.66
CA MET A 2 -2.35 -8.22 2.27
C MET A 2 -1.49 -7.72 3.33
N ARG A 3 -0.26 -7.99 3.03
CA ARG A 3 0.86 -7.65 3.77
C ARG A 3 1.44 -6.50 3.12
N ILE A 4 2.74 -6.39 3.35
CA ILE A 4 3.62 -5.40 2.85
C ILE A 4 3.26 -4.90 1.49
N SER A 5 2.42 -5.60 0.81
CA SER A 5 1.96 -5.28 -0.49
C SER A 5 1.25 -4.01 -0.40
N ARG A 6 0.52 -3.95 0.68
CA ARG A 6 -0.32 -2.88 1.02
C ARG A 6 0.56 -1.75 1.34
N ILE A 7 1.80 -2.12 1.67
CA ILE A 7 2.75 -1.18 2.07
C ILE A 7 3.46 -0.67 0.92
N ILE A 8 3.45 -1.47 -0.10
CA ILE A 8 4.09 -1.07 -1.31
C ILE A 8 3.17 -0.17 -1.88
N LEU A 9 1.98 -0.59 -1.74
CA LEU A 9 0.83 0.11 -2.16
C LEU A 9 0.81 1.39 -1.53
N ASP A 10 1.26 1.41 -0.37
CA ASP A 10 1.26 2.63 0.25
C ASP A 10 2.30 3.43 -0.46
N PHE A 11 3.30 2.79 -0.90
CA PHE A 11 4.39 3.50 -1.52
C PHE A 11 4.06 3.79 -2.88
N LEU A 12 2.99 3.18 -3.24
CA LEU A 12 2.52 3.28 -4.50
C LEU A 12 1.61 4.42 -4.62
N PHE A 13 0.79 4.52 -3.60
CA PHE A 13 -0.24 5.50 -3.64
C PHE A 13 -0.35 6.19 -2.38
N DLE A 14 0.04 5.52 -1.28
CA DLE A 14 -0.12 6.12 0.02
CB DLE A 14 0.98 6.03 1.02
CG DLE A 14 2.10 6.78 0.49
CD1 DLE A 14 1.76 8.25 0.59
CD2 DLE A 14 3.40 6.34 1.17
C DLE A 14 -1.20 5.46 0.64
O DLE A 14 -1.42 5.55 1.84
H DLE A 14 0.49 4.61 -1.32
HA DLE A 14 -0.37 7.10 -0.15
HB2 DLE A 14 0.62 6.48 1.97
HB3 DLE A 14 1.26 4.98 1.17
HG DLE A 14 2.17 6.51 -0.57
HD11 DLE A 14 0.65 8.35 0.76
HD12 DLE A 14 2.01 8.77 -0.37
HD13 DLE A 14 2.29 8.74 1.42
HD21 DLE A 14 3.21 5.39 1.72
HD22 DLE A 14 3.76 7.11 1.87
HD23 DLE A 14 4.17 6.14 0.39
N ARG A 15 -1.88 4.77 -0.22
CA ARG A 15 -3.03 4.08 0.19
C ARG A 15 -3.89 5.08 0.88
N LYS A 16 -3.65 6.28 0.40
CA LYS A 16 -4.23 7.49 0.88
C LYS A 16 -5.25 7.88 -0.12
N LYS A 17 -5.07 7.35 -1.34
CA LYS A 17 -5.95 7.68 -2.41
C LYS A 17 -6.16 6.42 -3.26
N GLU A 1 -4.90 -8.81 7.92
CA GLU A 1 -4.00 -9.41 6.90
C GLU A 1 -3.75 -8.44 5.78
N MET A 2 -2.60 -8.59 5.10
CA MET A 2 -2.26 -7.70 4.02
C MET A 2 -1.43 -8.35 3.11
N ARG A 3 -1.50 -7.71 1.97
CA ARG A 3 -0.66 -7.98 0.98
C ARG A 3 0.24 -6.89 1.05
N ILE A 4 1.44 -7.28 1.38
CA ILE A 4 2.55 -6.43 1.63
C ILE A 4 2.71 -5.48 0.53
N SER A 5 2.03 -5.81 -0.50
CA SER A 5 2.02 -5.12 -1.69
C SER A 5 1.32 -3.86 -1.56
N ARG A 6 0.26 -3.99 -0.85
CA ARG A 6 -0.65 -2.97 -0.64
C ARG A 6 0.04 -1.98 0.21
N ILE A 7 1.10 -2.45 0.84
CA ILE A 7 1.84 -1.67 1.73
C ILE A 7 2.86 -0.94 1.00
N ILE A 8 3.19 -1.49 -0.11
CA ILE A 8 4.17 -0.87 -0.93
C ILE A 8 3.46 0.18 -1.55
N LEU A 9 2.29 -0.20 -1.92
CA LEU A 9 1.33 0.62 -2.50
C LEU A 9 1.06 1.72 -1.64
N ASP A 10 1.09 1.44 -0.42
CA ASP A 10 0.85 2.46 0.46
C ASP A 10 1.99 3.42 0.32
N PHE A 11 3.13 2.89 0.06
CA PHE A 11 4.33 3.68 0.00
C PHE A 11 4.44 4.25 -1.31
N LEU A 12 3.59 3.76 -2.12
CA LEU A 12 3.60 4.13 -3.43
C LEU A 12 2.76 5.29 -3.63
N PHE A 13 1.64 5.23 -2.97
CA PHE A 13 0.64 6.21 -3.18
C PHE A 13 0.14 6.71 -1.92
N DLE A 14 0.18 5.87 -0.89
CA DLE A 14 -0.38 6.27 0.34
CB DLE A 14 0.54 6.40 1.54
CG DLE A 14 0.47 5.27 2.53
CD1 DLE A 14 1.87 5.02 3.06
CD2 DLE A 14 -0.55 5.55 3.62
C DLE A 14 -1.53 5.39 0.57
O DLE A 14 -2.13 5.33 1.63
H DLE A 14 0.60 4.96 -0.95
HA DLE A 14 -0.79 7.18 0.14
HB2 DLE A 14 1.59 6.46 1.17
HB3 DLE A 14 0.29 7.34 2.06
HG DLE A 14 0.15 4.36 1.98
HD11 DLE A 14 1.92 4.03 3.53
HD12 DLE A 14 2.16 5.80 3.78
HD13 DLE A 14 2.59 5.05 2.20
HD21 DLE A 14 -0.05 5.75 4.59
HD22 DLE A 14 -1.23 4.67 3.74
HD23 DLE A 14 -1.17 6.43 3.34
N ARG A 15 -1.92 4.74 -0.53
CA ARG A 15 -3.10 3.93 -0.54
C ARG A 15 -4.18 4.77 0.03
N LYS A 16 -3.93 6.04 -0.24
CA LYS A 16 -4.70 7.14 0.22
C LYS A 16 -5.28 7.78 -0.99
N LYS A 17 -5.07 7.15 -2.15
CA LYS A 17 -5.56 7.70 -3.36
C LYS A 17 -6.23 6.58 -4.17
N GLU A 1 -3.90 -10.17 6.63
CA GLU A 1 -4.02 -8.74 7.04
C GLU A 1 -3.69 -7.84 5.88
N MET A 2 -2.59 -8.15 5.16
CA MET A 2 -2.20 -7.33 4.03
C MET A 2 -1.41 -8.08 3.16
N ARG A 3 -1.44 -7.51 2.00
CA ARG A 3 -0.64 -7.88 0.99
C ARG A 3 0.36 -6.88 1.01
N ILE A 4 1.53 -7.37 1.28
CA ILE A 4 2.72 -6.63 1.47
C ILE A 4 2.93 -5.70 0.37
N SER A 5 2.13 -5.88 -0.62
CA SER A 5 2.18 -5.17 -1.80
C SER A 5 1.45 -3.93 -1.69
N ARG A 6 0.36 -4.09 -1.01
CA ARG A 6 -0.58 -3.08 -0.82
C ARG A 6 0.05 -2.09 0.07
N ILE A 7 1.11 -2.58 0.71
CA ILE A 7 1.84 -1.84 1.65
C ILE A 7 2.83 -1.04 0.97
N ILE A 8 3.23 -1.56 -0.15
CA ILE A 8 4.20 -0.88 -0.92
C ILE A 8 3.48 0.17 -1.51
N LEU A 9 2.33 -0.22 -1.93
CA LEU A 9 1.37 0.59 -2.52
C LEU A 9 1.05 1.66 -1.63
N ASP A 10 1.05 1.34 -0.41
CA ASP A 10 0.75 2.33 0.49
C ASP A 10 1.88 3.30 0.42
N PHE A 11 3.03 2.80 0.18
CA PHE A 11 4.22 3.62 0.19
C PHE A 11 4.38 4.23 -1.09
N LEU A 12 3.57 3.75 -1.96
CA LEU A 12 3.62 4.17 -3.25
C LEU A 12 2.77 5.33 -3.45
N PHE A 13 1.63 5.22 -2.83
CA PHE A 13 0.62 6.20 -3.05
C PHE A 13 0.07 6.66 -1.80
N DLE A 14 0.10 5.79 -0.79
CA DLE A 14 -0.51 6.15 0.43
CB DLE A 14 0.36 6.24 1.66
CG DLE A 14 0.26 5.08 2.62
CD1 DLE A 14 1.64 4.82 3.20
CD2 DLE A 14 -0.81 5.32 3.67
C DLE A 14 -1.67 5.26 0.59
O DLE A 14 -2.31 5.18 1.62
H DLE A 14 0.53 4.89 -0.85
HA DLE A 14 -0.92 7.08 0.24
HB2 DLE A 14 1.42 6.31 1.34
HB3 DLE A 14 0.09 7.16 2.21
HG DLE A 14 -0.03 4.19 2.03
HD11 DLE A 14 2.40 4.88 2.36
HD12 DLE A 14 1.67 3.82 3.64
HD13 DLE A 14 1.89 5.58 3.96
HD21 DLE A 14 -1.41 6.21 3.41
HD22 DLE A 14 -0.34 5.47 4.67
HD23 DLE A 14 -1.49 4.44 3.72
N ARG A 15 -1.99 4.63 -0.55
CA ARG A 15 -3.18 3.82 -0.64
C ARG A 15 -4.29 4.65 -0.09
N LYS A 16 -4.03 5.92 -0.30
CA LYS A 16 -4.82 7.01 0.16
C LYS A 16 -5.37 7.67 -1.05
N LYS A 17 -5.10 7.08 -2.22
CA LYS A 17 -5.56 7.67 -3.44
C LYS A 17 -6.20 6.57 -4.30
N GLU A 1 -2.59 -9.60 7.28
CA GLU A 1 -3.76 -8.71 7.04
C GLU A 1 -3.62 -7.99 5.72
N MET A 2 -2.38 -7.51 5.42
CA MET A 2 -2.18 -6.81 4.17
C MET A 2 -1.42 -7.64 3.31
N ARG A 3 -1.47 -7.14 2.11
CA ARG A 3 -0.74 -7.63 1.09
C ARG A 3 0.36 -6.76 1.04
N ILE A 4 1.47 -7.38 1.21
CA ILE A 4 2.73 -6.75 1.31
C ILE A 4 2.96 -5.84 0.19
N SER A 5 2.09 -5.95 -0.76
CA SER A 5 2.15 -5.23 -1.93
C SER A 5 1.45 -3.97 -1.82
N ARG A 6 0.34 -4.12 -1.17
CA ARG A 6 -0.58 -3.09 -1.00
C ARG A 6 0.04 -2.14 -0.06
N ILE A 7 1.06 -2.67 0.60
CA ILE A 7 1.77 -1.96 1.57
C ILE A 7 2.77 -1.14 0.92
N ILE A 8 3.21 -1.63 -0.19
CA ILE A 8 4.19 -0.93 -0.93
C ILE A 8 3.47 0.13 -1.51
N LEU A 9 2.34 -0.25 -1.97
CA LEU A 9 1.40 0.59 -2.55
C LEU A 9 1.05 1.63 -1.63
N ASP A 10 1.02 1.27 -0.44
CA ASP A 10 0.70 2.22 0.49
C ASP A 10 1.82 3.21 0.47
N PHE A 11 2.99 2.72 0.26
CA PHE A 11 4.17 3.54 0.30
C PHE A 11 4.36 4.19 -0.95
N LEU A 12 3.57 3.73 -1.85
CA LEU A 12 3.66 4.18 -3.13
C LEU A 12 2.81 5.35 -3.31
N PHE A 13 1.65 5.22 -2.72
CA PHE A 13 0.65 6.20 -2.94
C PHE A 13 0.07 6.63 -1.69
N DLE A 14 0.07 5.73 -0.71
CA DLE A 14 -0.58 6.05 0.50
CB DLE A 14 0.27 6.10 1.77
CG DLE A 14 0.15 4.92 2.68
CD1 DLE A 14 1.50 4.64 3.28
CD2 DLE A 14 -0.95 5.12 3.72
C DLE A 14 -1.73 5.16 0.61
O DLE A 14 -2.39 5.03 1.62
H DLE A 14 0.51 4.83 -0.78
HA DLE A 14 -0.98 6.97 0.33
HB2 DLE A 14 1.34 6.20 1.47
HB3 DLE A 14 -0.02 7.01 2.33
HG DLE A 14 -0.13 4.04 2.06
HD11 DLE A 14 2.29 4.73 2.48
HD12 DLE A 14 1.54 3.62 3.70
HD13 DLE A 14 1.73 5.38 4.08
HD21 DLE A 14 -1.63 4.25 3.71
HD22 DLE A 14 -1.54 6.03 3.46
HD23 DLE A 14 -0.53 5.24 4.73
N ARG A 15 -2.03 4.56 -0.55
CA ARG A 15 -3.20 3.75 -0.70
C ARG A 15 -4.32 4.56 -0.15
N LYS A 16 -4.07 5.84 -0.33
CA LYS A 16 -4.88 6.91 0.14
C LYS A 16 -5.39 7.60 -1.06
N LYS A 17 -5.09 7.04 -2.24
CA LYS A 17 -5.52 7.66 -3.45
C LYS A 17 -6.14 6.59 -4.35
N GLU A 1 -6.06 -8.29 4.10
CA GLU A 1 -5.99 -9.08 2.84
C GLU A 1 -4.55 -9.28 2.42
N MET A 2 -3.71 -8.25 2.62
CA MET A 2 -2.32 -8.35 2.25
C MET A 2 -1.50 -7.80 3.31
N ARG A 3 -0.26 -8.03 3.04
CA ARG A 3 0.83 -7.63 3.78
C ARG A 3 1.40 -6.48 3.13
N ILE A 4 2.69 -6.35 3.36
CA ILE A 4 3.56 -5.35 2.86
C ILE A 4 3.21 -4.87 1.50
N SER A 5 2.37 -5.59 0.82
CA SER A 5 1.92 -5.29 -0.48
C SER A 5 1.20 -4.02 -0.42
N ARG A 6 0.47 -3.96 0.67
CA ARG A 6 -0.37 -2.89 1.00
C ARG A 6 0.49 -1.75 1.33
N ILE A 7 1.73 -2.11 1.66
CA ILE A 7 2.68 -1.16 2.08
C ILE A 7 3.39 -0.65 0.93
N ILE A 8 3.40 -1.46 -0.09
CA ILE A 8 4.06 -1.07 -1.29
C ILE A 8 3.14 -0.17 -1.88
N LEU A 9 1.94 -0.57 -1.75
CA LEU A 9 0.81 0.13 -2.16
C LEU A 9 0.79 1.41 -1.54
N ASP A 10 1.23 1.44 -0.38
CA ASP A 10 1.24 2.65 0.24
C ASP A 10 2.30 3.45 -0.46
N PHE A 11 3.31 2.80 -0.90
CA PHE A 11 4.41 3.49 -1.52
C PHE A 11 4.07 3.78 -2.88
N LEU A 12 2.99 3.18 -3.25
CA LEU A 12 2.55 3.28 -4.51
C LEU A 12 1.65 4.43 -4.64
N PHE A 13 0.82 4.55 -3.61
CA PHE A 13 -0.20 5.53 -3.67
C PHE A 13 -0.31 6.24 -2.39
N DLE A 14 0.08 5.56 -1.29
CA DLE A 14 -0.08 6.16 0.00
CB DLE A 14 1.02 6.08 0.99
CG DLE A 14 2.16 6.81 0.47
CD1 DLE A 14 1.82 8.30 0.54
CD2 DLE A 14 3.45 6.38 1.13
C DLE A 14 -1.15 5.52 0.61
O DLE A 14 -1.37 5.60 1.82
H DLE A 14 0.51 4.65 -1.34
HA DLE A 14 -0.33 7.16 -0.18
HB2 DLE A 14 0.67 6.54 1.94
HB3 DLE A 14 1.30 5.03 1.15
HG DLE A 14 2.22 6.54 -0.60
HD11 DLE A 14 2.07 8.79 -0.42
HD12 DLE A 14 2.37 8.79 1.36
HD13 DLE A 14 0.72 8.40 0.72
HD21 DLE A 14 3.83 7.15 1.82
HD22 DLE A 14 4.22 6.16 0.36
HD23 DLE A 14 3.25 5.44 1.70
N ARG A 15 -1.85 4.84 -0.24
CA ARG A 15 -3.01 4.18 0.17
C ARG A 15 -3.86 5.18 0.87
N LYS A 16 -3.60 6.39 0.39
CA LYS A 16 -4.17 7.59 0.86
C LYS A 16 -5.19 8.00 -0.13
N LYS A 17 -5.03 7.46 -1.35
CA LYS A 17 -5.91 7.80 -2.41
C LYS A 17 -6.14 6.53 -3.25
N GLU A 1 -6.67 -8.17 1.85
CA GLU A 1 -6.02 -9.00 2.89
C GLU A 1 -4.58 -9.26 2.53
N MET A 2 -3.76 -8.20 2.52
CA MET A 2 -2.37 -8.34 2.20
C MET A 2 -1.56 -7.77 3.26
N ARG A 3 -0.31 -8.01 3.02
CA ARG A 3 0.77 -7.62 3.77
C ARG A 3 1.34 -6.48 3.11
N ILE A 4 2.64 -6.34 3.37
CA ILE A 4 3.53 -5.35 2.87
C ILE A 4 3.19 -4.87 1.51
N SER A 5 2.36 -5.59 0.82
CA SER A 5 1.91 -5.28 -0.48
C SER A 5 1.21 -4.00 -0.42
N ARG A 6 0.47 -3.92 0.65
CA ARG A 6 -0.37 -2.86 0.97
C ARG A 6 0.50 -1.73 1.31
N ILE A 7 1.73 -2.09 1.66
CA ILE A 7 2.69 -1.16 2.07
C ILE A 7 3.42 -0.66 0.93
N ILE A 8 3.42 -1.46 -0.08
CA ILE A 8 4.10 -1.07 -1.28
C ILE A 8 3.20 -0.17 -1.88
N LEU A 9 1.99 -0.57 -1.75
CA LEU A 9 0.87 0.13 -2.19
C LEU A 9 0.85 1.41 -1.57
N ASP A 10 1.27 1.44 -0.40
CA ASP A 10 1.28 2.65 0.23
C ASP A 10 2.35 3.44 -0.46
N PHE A 11 3.35 2.80 -0.90
CA PHE A 11 4.45 3.49 -1.50
C PHE A 11 4.15 3.77 -2.86
N LEU A 12 3.07 3.18 -3.24
CA LEU A 12 2.64 3.30 -4.51
C LEU A 12 1.75 4.44 -4.65
N PHE A 13 0.91 4.57 -3.63
CA PHE A 13 -0.11 5.55 -3.69
C PHE A 13 -0.22 6.25 -2.42
N DLE A 14 0.13 5.57 -1.32
CA DLE A 14 -0.04 6.17 -0.02
CB DLE A 14 1.04 6.07 0.98
CG DLE A 14 2.19 6.80 0.49
CD1 DLE A 14 1.88 8.27 0.59
CD2 DLE A 14 3.46 6.33 1.17
C DLE A 14 -1.13 5.53 0.58
O DLE A 14 -1.36 5.60 1.78
H DLE A 14 0.54 4.65 -1.35
HA DLE A 14 -0.29 7.15 -0.21
HB2 DLE A 14 0.68 6.52 1.94
HB3 DLE A 14 1.30 5.01 1.14
HG DLE A 14 2.26 6.54 -0.58
HD11 DLE A 14 2.39 8.74 1.45
HD12 DLE A 14 0.75 8.39 0.74
HD13 DLE A 14 2.16 8.79 -0.34
HD21 DLE A 14 3.82 7.07 1.90
HD22 DLE A 14 4.25 6.14 0.41
HD23 DLE A 14 3.26 5.36 1.69
N ARG A 15 -1.83 4.85 -0.29
CA ARG A 15 -2.99 4.19 0.10
C ARG A 15 -3.84 5.20 0.81
N LYS A 16 -3.56 6.40 0.34
CA LYS A 16 -4.10 7.62 0.82
C LYS A 16 -5.10 8.07 -0.17
N LYS A 17 -5.34 7.24 -1.19
CA LYS A 17 -6.23 7.60 -2.22
C LYS A 17 -7.32 6.53 -2.32
N GLU A 1 -3.83 -10.19 6.65
CA GLU A 1 -3.99 -8.77 7.05
C GLU A 1 -3.69 -7.86 5.89
N MET A 2 -2.56 -8.12 5.18
CA MET A 2 -2.20 -7.30 4.06
C MET A 2 -1.41 -8.04 3.16
N ARG A 3 -1.46 -7.44 2.01
CA ARG A 3 -0.66 -7.81 0.99
C ARG A 3 0.36 -6.83 1.03
N ILE A 4 1.51 -7.36 1.27
CA ILE A 4 2.71 -6.64 1.45
C ILE A 4 2.93 -5.71 0.35
N SER A 5 2.11 -5.88 -0.64
CA SER A 5 2.16 -5.17 -1.81
C SER A 5 1.44 -3.94 -1.70
N ARG A 6 0.35 -4.08 -1.03
CA ARG A 6 -0.58 -3.06 -0.85
C ARG A 6 0.06 -2.09 0.05
N ILE A 7 1.10 -2.58 0.70
CA ILE A 7 1.84 -1.86 1.64
C ILE A 7 2.82 -1.06 0.96
N ILE A 8 3.23 -1.57 -0.15
CA ILE A 8 4.20 -0.89 -0.93
C ILE A 8 3.48 0.17 -1.51
N LEU A 9 2.34 -0.22 -1.94
CA LEU A 9 1.38 0.60 -2.52
C LEU A 9 1.06 1.66 -1.62
N ASP A 10 1.05 1.34 -0.41
CA ASP A 10 0.76 2.31 0.49
C ASP A 10 1.88 3.30 0.43
N PHE A 11 3.03 2.79 0.19
CA PHE A 11 4.22 3.61 0.20
C PHE A 11 4.39 4.24 -1.07
N LEU A 12 3.58 3.76 -1.95
CA LEU A 12 3.63 4.18 -3.24
C LEU A 12 2.78 5.34 -3.43
N PHE A 13 1.63 5.23 -2.82
CA PHE A 13 0.64 6.21 -3.03
C PHE A 13 0.09 6.66 -1.78
N DLE A 14 0.10 5.79 -0.78
CA DLE A 14 -0.51 6.15 0.44
CB DLE A 14 0.35 6.23 1.68
CG DLE A 14 0.25 5.05 2.63
CD1 DLE A 14 1.63 4.80 3.20
CD2 DLE A 14 -0.81 5.29 3.68
C DLE A 14 -1.66 5.25 0.60
O DLE A 14 -2.31 5.16 1.63
H DLE A 14 0.54 4.89 -0.84
HA DLE A 14 -0.93 7.07 0.26
HB2 DLE A 14 1.41 6.30 1.36
HB3 DLE A 14 0.09 7.15 2.23
HG DLE A 14 -0.04 4.17 2.04
HD11 DLE A 14 1.88 5.55 3.98
HD12 DLE A 14 2.38 4.86 2.38
HD13 DLE A 14 1.67 3.79 3.65
HD21 DLE A 14 -1.41 6.19 3.42
HD22 DLE A 14 -0.36 5.43 4.69
HD23 DLE A 14 -1.50 4.42 3.71
N ARG A 15 -1.99 4.62 -0.54
CA ARG A 15 -3.18 3.81 -0.64
C ARG A 15 -4.28 4.63 -0.09
N LYS A 16 -4.02 5.91 -0.31
CA LYS A 16 -4.83 6.99 0.15
C LYS A 16 -5.37 7.66 -1.05
N LYS A 17 -5.10 7.06 -2.23
CA LYS A 17 -5.57 7.65 -3.44
C LYS A 17 -6.21 6.55 -4.30
N GLU A 1 -2.77 -10.05 7.44
CA GLU A 1 -4.05 -9.55 6.83
C GLU A 1 -3.77 -8.58 5.72
N MET A 2 -2.59 -8.70 5.08
CA MET A 2 -2.25 -7.80 4.01
C MET A 2 -1.39 -8.44 3.09
N ARG A 3 -1.48 -7.80 1.96
CA ARG A 3 -0.62 -8.04 0.97
C ARG A 3 0.25 -6.92 1.06
N ILE A 4 1.46 -7.28 1.39
CA ILE A 4 2.54 -6.41 1.65
C ILE A 4 2.69 -5.45 0.55
N SER A 5 2.02 -5.80 -0.48
CA SER A 5 1.99 -5.11 -1.66
C SER A 5 1.31 -3.85 -1.52
N ARG A 6 0.25 -3.99 -0.80
CA ARG A 6 -0.67 -2.97 -0.56
C ARG A 6 0.03 -1.97 0.27
N ILE A 7 1.11 -2.44 0.90
CA ILE A 7 1.85 -1.64 1.78
C ILE A 7 2.84 -0.91 1.04
N ILE A 8 3.19 -1.48 -0.07
CA ILE A 8 4.15 -0.86 -0.91
C ILE A 8 3.42 0.19 -1.53
N LEU A 9 2.25 -0.21 -1.88
CA LEU A 9 1.29 0.61 -2.46
C LEU A 9 1.04 1.73 -1.61
N ASP A 10 1.08 1.48 -0.38
CA ASP A 10 0.84 2.51 0.46
C ASP A 10 1.99 3.45 0.30
N PHE A 11 3.12 2.91 0.04
CA PHE A 11 4.33 3.69 -0.04
C PHE A 11 4.44 4.24 -1.36
N LEU A 12 3.59 3.74 -2.16
CA LEU A 12 3.59 4.09 -3.48
C LEU A 12 2.76 5.26 -3.69
N PHE A 13 1.64 5.21 -3.02
CA PHE A 13 0.66 6.20 -3.24
C PHE A 13 0.18 6.74 -1.99
N DLE A 14 0.21 5.92 -0.95
CA DLE A 14 -0.34 6.34 0.27
CB DLE A 14 0.61 6.50 1.46
CG DLE A 14 0.54 5.40 2.48
CD1 DLE A 14 1.94 5.14 3.00
CD2 DLE A 14 -0.46 5.74 3.59
C DLE A 14 -1.48 5.47 0.55
O DLE A 14 -2.06 5.43 1.63
H DLE A 14 0.62 4.99 -0.99
HA DLE A 14 -0.74 7.25 0.06
HB2 DLE A 14 1.65 6.53 1.07
HB3 DLE A 14 0.39 7.46 1.96
HG DLE A 14 0.20 4.48 1.98
HD11 DLE A 14 2.26 5.93 3.71
HD12 DLE A 14 2.66 5.14 2.13
HD13 DLE A 14 1.99 4.16 3.49
HD21 DLE A 14 -1.14 4.87 3.74
HD22 DLE A 14 -1.07 6.60 3.27
HD23 DLE A 14 0.07 5.97 4.54
N ARG A 15 -1.89 4.80 -0.53
CA ARG A 15 -3.08 4.00 -0.51
C ARG A 15 -4.14 4.87 0.07
N LYS A 16 -3.89 6.12 -0.23
CA LYS A 16 -4.65 7.24 0.21
C LYS A 16 -5.26 7.85 -0.98
N LYS A 17 -5.08 7.18 -2.13
CA LYS A 17 -5.61 7.71 -3.35
C LYS A 17 -6.31 6.57 -4.09
N GLU A 1 -6.88 -8.85 1.55
CA GLU A 1 -6.01 -9.04 2.75
C GLU A 1 -4.58 -9.24 2.34
N MET A 2 -3.72 -8.23 2.60
CA MET A 2 -2.34 -8.34 2.25
C MET A 2 -1.52 -7.78 3.32
N ARG A 3 -0.27 -8.02 3.06
CA ARG A 3 0.81 -7.62 3.80
C ARG A 3 1.38 -6.47 3.15
N ILE A 4 2.67 -6.33 3.39
CA ILE A 4 3.55 -5.33 2.89
C ILE A 4 3.20 -4.86 1.52
N SER A 5 2.37 -5.60 0.84
CA SER A 5 1.93 -5.29 -0.46
C SER A 5 1.21 -4.02 -0.40
N ARG A 6 0.47 -3.95 0.68
CA ARG A 6 -0.38 -2.89 0.99
C ARG A 6 0.50 -1.75 1.32
N ILE A 7 1.73 -2.10 1.67
CA ILE A 7 2.67 -1.15 2.08
C ILE A 7 3.39 -0.65 0.93
N ILE A 8 3.42 -1.47 -0.07
CA ILE A 8 4.07 -1.08 -1.28
C ILE A 8 3.16 -0.18 -1.87
N LEU A 9 1.96 -0.58 -1.74
CA LEU A 9 0.84 0.12 -2.18
C LEU A 9 0.82 1.40 -1.56
N ASP A 10 1.25 1.44 -0.39
CA ASP A 10 1.26 2.66 0.21
C ASP A 10 2.33 3.45 -0.49
N PHE A 11 3.33 2.80 -0.91
CA PHE A 11 4.44 3.48 -1.53
C PHE A 11 4.11 3.76 -2.90
N LEU A 12 3.03 3.17 -3.26
CA LEU A 12 2.59 3.28 -4.53
C LEU A 12 1.69 4.42 -4.66
N PHE A 13 0.86 4.54 -3.64
CA PHE A 13 -0.16 5.53 -3.70
C PHE A 13 -0.26 6.23 -2.43
N DLE A 14 0.12 5.56 -1.32
CA DLE A 14 -0.04 6.18 -0.04
CB DLE A 14 1.05 6.08 0.96
CG DLE A 14 2.20 6.82 0.43
CD1 DLE A 14 1.87 8.30 0.49
CD2 DLE A 14 3.48 6.37 1.10
C DLE A 14 -1.12 5.53 0.59
O DLE A 14 -1.33 5.60 1.79
H DLE A 14 0.53 4.64 -1.37
HA DLE A 14 -0.30 7.16 -0.23
HB2 DLE A 14 0.71 6.56 1.91
HB3 DLE A 14 1.32 5.03 1.13
HG DLE A 14 2.25 6.53 -0.63
HD11 DLE A 14 2.12 8.78 -0.47
HD12 DLE A 14 2.42 8.79 1.31
HD13 DLE A 14 0.76 8.41 0.68
HD21 DLE A 14 4.27 6.19 0.34
HD22 DLE A 14 3.28 5.41 1.64
HD23 DLE A 14 3.84 7.13 1.82
N ARG A 15 -1.84 4.86 -0.27
CA ARG A 15 -2.99 4.20 0.13
C ARG A 15 -3.83 5.21 0.84
N LYS A 16 -3.55 6.41 0.37
CA LYS A 16 -4.09 7.63 0.85
C LYS A 16 -5.11 8.09 -0.12
N LYS A 17 -5.23 7.32 -1.22
CA LYS A 17 -6.14 7.68 -2.25
C LYS A 17 -7.11 6.51 -2.48
N GLU A 1 -2.82 -9.75 7.76
CA GLU A 1 -3.98 -9.63 6.84
C GLU A 1 -3.70 -8.62 5.77
N MET A 2 -2.55 -8.76 5.08
CA MET A 2 -2.22 -7.83 4.03
C MET A 2 -1.38 -8.45 3.08
N ARG A 3 -1.49 -7.78 1.97
CA ARG A 3 -0.65 -7.99 0.96
C ARG A 3 0.24 -6.90 1.06
N ILE A 4 1.44 -7.28 1.35
CA ILE A 4 2.55 -6.43 1.60
C ILE A 4 2.68 -5.46 0.52
N SER A 5 1.99 -5.79 -0.50
CA SER A 5 1.94 -5.10 -1.68
C SER A 5 1.26 -3.84 -1.52
N ARG A 6 0.21 -3.96 -0.78
CA ARG A 6 -0.68 -2.95 -0.51
C ARG A 6 0.03 -1.95 0.32
N ILE A 7 1.11 -2.45 0.91
CA ILE A 7 1.89 -1.67 1.79
C ILE A 7 2.88 -0.94 1.04
N ILE A 8 3.19 -1.49 -0.09
CA ILE A 8 4.14 -0.86 -0.93
C ILE A 8 3.41 0.17 -1.53
N LEU A 9 2.23 -0.20 -1.87
CA LEU A 9 1.26 0.62 -2.44
C LEU A 9 1.01 1.73 -1.59
N ASP A 10 1.07 1.47 -0.37
CA ASP A 10 0.84 2.50 0.51
C ASP A 10 1.99 3.45 0.33
N PHE A 11 3.12 2.91 0.06
CA PHE A 11 4.32 3.69 -0.04
C PHE A 11 4.43 4.24 -1.36
N LEU A 12 3.56 3.73 -2.15
CA LEU A 12 3.56 4.08 -3.46
C LEU A 12 2.73 5.25 -3.68
N PHE A 13 1.61 5.21 -2.98
CA PHE A 13 0.63 6.21 -3.21
C PHE A 13 0.16 6.74 -1.95
N DLE A 14 0.20 5.92 -0.91
CA DLE A 14 -0.35 6.34 0.31
CB DLE A 14 0.59 6.47 1.51
CG DLE A 14 0.52 5.35 2.51
CD1 DLE A 14 1.91 5.10 3.03
CD2 DLE A 14 -0.50 5.66 3.61
C DLE A 14 -1.50 5.49 0.57
O DLE A 14 -2.11 5.48 1.64
H DLE A 14 0.61 5.00 -0.95
HA DLE A 14 -0.74 7.26 0.11
HB2 DLE A 14 1.64 6.52 1.13
HB3 DLE A 14 0.36 7.43 2.02
HG DLE A 14 0.17 4.45 1.98
HD11 DLE A 14 2.63 5.09 2.17
HD12 DLE A 14 1.95 4.12 3.54
HD13 DLE A 14 2.21 5.89 3.74
HD21 DLE A 14 -1.09 6.56 3.32
HD22 DLE A 14 0.00 5.84 4.58
HD23 DLE A 14 -1.20 4.81 3.71
N ARG A 15 -1.89 4.81 -0.51
CA ARG A 15 -3.10 4.01 -0.50
C ARG A 15 -4.16 4.89 0.05
N LYS A 16 -3.90 6.14 -0.26
CA LYS A 16 -4.65 7.26 0.17
C LYS A 16 -5.23 7.88 -1.05
N LYS A 17 -5.01 7.22 -2.19
CA LYS A 17 -5.50 7.74 -3.43
C LYS A 17 -6.19 6.61 -4.20
N GLU A 1 -5.93 -7.01 4.18
CA GLU A 1 -5.73 -7.14 2.72
C GLU A 1 -4.27 -7.15 2.38
N MET A 2 -3.66 -8.36 2.41
CA MET A 2 -2.25 -8.52 2.11
C MET A 2 -1.45 -7.95 3.20
N ARG A 3 -0.19 -8.16 2.95
CA ARG A 3 0.88 -7.76 3.71
C ARG A 3 1.44 -6.60 3.08
N ILE A 4 2.73 -6.45 3.35
CA ILE A 4 3.60 -5.44 2.87
C ILE A 4 3.27 -4.94 1.50
N SER A 5 2.46 -5.68 0.81
CA SER A 5 2.03 -5.36 -0.51
C SER A 5 1.29 -4.10 -0.45
N ARG A 6 0.53 -4.06 0.62
CA ARG A 6 -0.33 -3.01 0.95
C ARG A 6 0.52 -1.86 1.30
N ILE A 7 1.75 -2.20 1.66
CA ILE A 7 2.68 -1.25 2.09
C ILE A 7 3.41 -0.73 0.97
N ILE A 8 3.45 -1.53 -0.06
CA ILE A 8 4.12 -1.11 -1.24
C ILE A 8 3.21 -0.21 -1.83
N LEU A 9 2.00 -0.64 -1.73
CA LEU A 9 0.88 0.03 -2.18
C LEU A 9 0.82 1.30 -1.55
N ASP A 10 1.23 1.33 -0.37
CA ASP A 10 1.20 2.54 0.27
C ASP A 10 2.26 3.36 -0.40
N PHE A 11 3.29 2.75 -0.83
CA PHE A 11 4.38 3.46 -1.41
C PHE A 11 4.08 3.76 -2.78
N LEU A 12 3.03 3.15 -3.17
CA LEU A 12 2.59 3.26 -4.45
C LEU A 12 1.68 4.38 -4.58
N PHE A 13 0.83 4.47 -3.57
CA PHE A 13 -0.21 5.43 -3.63
C PHE A 13 -0.36 6.12 -2.36
N DLE A 14 0.01 5.44 -1.26
CA DLE A 14 -0.19 6.02 0.03
CB DLE A 14 0.88 5.94 1.05
CG DLE A 14 2.03 6.70 0.57
CD1 DLE A 14 1.67 8.18 0.68
CD2 DLE A 14 3.29 6.26 1.26
C DLE A 14 -1.27 5.35 0.62
O DLE A 14 -1.52 5.41 1.82
H DLE A 14 0.45 4.53 -1.31
HA DLE A 14 -0.46 7.01 -0.14
HB2 DLE A 14 0.50 6.37 2.01
HB3 DLE A 14 1.17 4.89 1.20
HG DLE A 14 2.10 6.45 -0.49
HD11 DLE A 14 1.94 8.70 -0.25
HD12 DLE A 14 2.18 8.64 1.54
HD13 DLE A 14 0.55 8.26 0.83
HD21 DLE A 14 3.11 5.29 1.79
HD22 DLE A 14 3.64 7.01 2.00
HD23 DLE A 14 4.09 6.09 0.51
N ARG A 15 -1.94 4.68 -0.26
CA ARG A 15 -3.10 3.99 0.10
C ARG A 15 -3.97 4.97 0.81
N LYS A 16 -3.71 6.19 0.36
CA LYS A 16 -4.28 7.38 0.86
C LYS A 16 -5.29 7.83 -0.13
N LYS A 17 -5.38 7.08 -1.24
CA LYS A 17 -6.28 7.44 -2.28
C LYS A 17 -7.21 6.26 -2.55
N GLU A 1 -2.96 -8.50 8.20
CA GLU A 1 -3.77 -8.98 7.05
C GLU A 1 -3.59 -8.09 5.85
N MET A 2 -2.35 -8.04 5.32
CA MET A 2 -2.09 -7.20 4.17
C MET A 2 -1.43 -7.97 3.19
N ARG A 3 -1.49 -7.32 2.07
CA ARG A 3 -0.78 -7.70 1.01
C ARG A 3 0.29 -6.77 1.03
N ILE A 4 1.42 -7.35 1.22
CA ILE A 4 2.65 -6.67 1.39
C ILE A 4 2.87 -5.74 0.28
N SER A 5 2.04 -5.91 -0.69
CA SER A 5 2.10 -5.19 -1.87
C SER A 5 1.38 -3.95 -1.75
N ARG A 6 0.28 -4.09 -1.08
CA ARG A 6 -0.65 -3.06 -0.90
C ARG A 6 0.00 -2.09 0.01
N ILE A 7 1.03 -2.61 0.66
CA ILE A 7 1.77 -1.89 1.61
C ILE A 7 2.76 -1.10 0.95
N ILE A 8 3.18 -1.60 -0.17
CA ILE A 8 4.15 -0.92 -0.94
C ILE A 8 3.44 0.15 -1.51
N LEU A 9 2.30 -0.23 -1.95
CA LEU A 9 1.35 0.60 -2.53
C LEU A 9 1.03 1.67 -1.63
N ASP A 10 1.02 1.33 -0.42
CA ASP A 10 0.72 2.31 0.49
C ASP A 10 1.86 3.28 0.44
N PHE A 11 3.01 2.76 0.22
CA PHE A 11 4.21 3.57 0.23
C PHE A 11 4.38 4.20 -1.04
N LEU A 12 3.58 3.73 -1.92
CA LEU A 12 3.64 4.16 -3.20
C LEU A 12 2.81 5.34 -3.40
N PHE A 13 1.65 5.24 -2.79
CA PHE A 13 0.67 6.23 -3.01
C PHE A 13 0.10 6.68 -1.75
N DLE A 14 0.11 5.79 -0.76
CA DLE A 14 -0.51 6.14 0.46
CB DLE A 14 0.36 6.20 1.71
CG DLE A 14 0.23 5.03 2.64
CD1 DLE A 14 1.60 4.76 3.23
CD2 DLE A 14 -0.84 5.27 3.70
C DLE A 14 -1.67 5.26 0.60
O DLE A 14 -2.33 5.17 1.63
H DLE A 14 0.54 4.89 -0.82
HA DLE A 14 -0.91 7.07 0.28
HB2 DLE A 14 1.41 6.28 1.40
HB3 DLE A 14 0.09 7.13 2.26
HG DLE A 14 -0.06 4.16 2.04
HD11 DLE A 14 1.86 5.50 4.01
HD12 DLE A 14 2.37 4.82 2.41
HD13 DLE A 14 1.63 3.75 3.67
HD21 DLE A 14 -1.43 6.18 3.43
HD22 DLE A 14 -0.39 5.41 4.70
HD23 DLE A 14 -1.54 4.40 3.71
N ARG A 15 -1.99 4.64 -0.55
CA ARG A 15 -3.18 3.85 -0.65
C ARG A 15 -4.29 4.67 -0.11
N LYS A 16 -4.01 5.95 -0.32
CA LYS A 16 -4.80 7.04 0.13
C LYS A 16 -5.32 7.72 -1.07
N LYS A 17 -5.05 7.13 -2.24
CA LYS A 17 -5.49 7.73 -3.46
C LYS A 17 -6.13 6.65 -4.33
N GLU A 1 -6.14 -8.20 4.06
CA GLU A 1 -6.06 -8.90 2.75
C GLU A 1 -4.63 -9.16 2.37
N MET A 2 -3.76 -8.14 2.57
CA MET A 2 -2.36 -8.30 2.24
C MET A 2 -1.57 -7.72 3.31
N ARG A 3 -0.31 -7.97 3.07
CA ARG A 3 0.77 -7.57 3.82
C ARG A 3 1.35 -6.43 3.16
N ILE A 4 2.65 -6.30 3.42
CA ILE A 4 3.53 -5.32 2.92
C ILE A 4 3.20 -4.85 1.54
N SER A 5 2.38 -5.58 0.85
CA SER A 5 1.95 -5.27 -0.46
C SER A 5 1.23 -4.00 -0.41
N ARG A 6 0.48 -3.93 0.65
CA ARG A 6 -0.37 -2.86 0.96
C ARG A 6 0.50 -1.72 1.29
N ILE A 7 1.72 -2.08 1.65
CA ILE A 7 2.67 -1.13 2.07
C ILE A 7 3.41 -0.64 0.93
N ILE A 8 3.44 -1.45 -0.07
CA ILE A 8 4.11 -1.07 -1.27
C ILE A 8 3.22 -0.17 -1.88
N LEU A 9 2.02 -0.58 -1.77
CA LEU A 9 0.90 0.12 -2.22
C LEU A 9 0.86 1.40 -1.61
N ASP A 10 1.28 1.44 -0.44
CA ASP A 10 1.28 2.68 0.16
C ASP A 10 2.36 3.46 -0.52
N PHE A 11 3.36 2.79 -0.94
CA PHE A 11 4.48 3.49 -1.54
C PHE A 11 4.17 3.76 -2.91
N LEU A 12 3.10 3.17 -3.28
CA LEU A 12 2.65 3.27 -4.56
C LEU A 12 1.76 4.42 -4.68
N PHE A 13 0.93 4.54 -3.66
CA PHE A 13 -0.09 5.52 -3.72
C PHE A 13 -0.22 6.21 -2.44
N DLE A 14 0.11 5.51 -1.34
CA DLE A 14 -0.07 6.11 -0.04
CB DLE A 14 1.02 6.03 0.96
CG DLE A 14 2.14 6.82 0.46
CD1 DLE A 14 1.77 8.27 0.60
CD2 DLE A 14 3.44 6.38 1.10
C DLE A 14 -1.15 5.44 0.56
O DLE A 14 -1.35 5.47 1.77
H DLE A 14 0.52 4.59 -1.37
HA DLE A 14 -0.34 7.09 -0.22
HB2 DLE A 14 0.66 6.45 1.93
HB3 DLE A 14 1.33 4.99 1.11
HG DLE A 14 2.19 6.57 -0.61
HD11 DLE A 14 0.64 8.34 0.74
HD12 DLE A 14 2.04 8.83 -0.32
HD13 DLE A 14 2.27 8.73 1.47
HD21 DLE A 14 3.24 5.53 1.78
HD22 DLE A 14 3.90 7.21 1.66
HD23 DLE A 14 4.14 6.02 0.30
N ARG A 15 -1.87 4.79 -0.31
CA ARG A 15 -3.02 4.13 0.08
C ARG A 15 -3.83 5.10 0.86
N LYS A 16 -3.59 6.30 0.40
CA LYS A 16 -4.12 7.51 0.93
C LYS A 16 -5.16 7.98 -0.02
N LYS A 17 -5.31 7.24 -1.13
CA LYS A 17 -6.25 7.62 -2.13
C LYS A 17 -7.15 6.42 -2.42
N GLU A 1 -3.66 -10.09 6.73
CA GLU A 1 -4.03 -8.67 7.03
C GLU A 1 -3.73 -7.79 5.85
N MET A 2 -2.55 -8.00 5.21
CA MET A 2 -2.19 -7.19 4.08
C MET A 2 -1.40 -7.95 3.19
N ARG A 3 -1.43 -7.38 2.03
CA ARG A 3 -0.66 -7.76 1.02
C ARG A 3 0.40 -6.81 1.04
N ILE A 4 1.54 -7.36 1.25
CA ILE A 4 2.76 -6.67 1.42
C ILE A 4 2.97 -5.73 0.32
N SER A 5 2.14 -5.90 -0.66
CA SER A 5 2.18 -5.19 -1.84
C SER A 5 1.46 -3.95 -1.72
N ARG A 6 0.37 -4.09 -1.06
CA ARG A 6 -0.56 -3.08 -0.88
C ARG A 6 0.07 -2.11 0.03
N ILE A 7 1.11 -2.61 0.68
CA ILE A 7 1.83 -1.88 1.64
C ILE A 7 2.83 -1.08 0.95
N ILE A 8 3.24 -1.58 -0.17
CA ILE A 8 4.21 -0.90 -0.93
C ILE A 8 3.48 0.17 -1.52
N LEU A 9 2.35 -0.24 -1.94
CA LEU A 9 1.39 0.59 -2.52
C LEU A 9 1.06 1.65 -1.63
N ASP A 10 1.05 1.33 -0.42
CA ASP A 10 0.74 2.29 0.48
C ASP A 10 1.87 3.27 0.43
N PHE A 11 3.03 2.77 0.21
CA PHE A 11 4.20 3.60 0.22
C PHE A 11 4.37 4.23 -1.05
N LEU A 12 3.57 3.76 -1.93
CA LEU A 12 3.63 4.18 -3.22
C LEU A 12 2.78 5.34 -3.41
N PHE A 13 1.62 5.23 -2.80
CA PHE A 13 0.63 6.20 -3.01
C PHE A 13 0.06 6.65 -1.76
N DLE A 14 0.08 5.77 -0.77
CA DLE A 14 -0.54 6.11 0.46
CB DLE A 14 0.33 6.19 1.70
CG DLE A 14 0.22 5.02 2.64
CD1 DLE A 14 1.59 4.76 3.22
CD2 DLE A 14 -0.86 5.24 3.69
C DLE A 14 -1.69 5.22 0.60
O DLE A 14 -2.34 5.11 1.62
H DLE A 14 0.53 4.86 -0.83
HA DLE A 14 -0.94 7.03 0.28
HB2 DLE A 14 1.39 6.28 1.38
HB3 DLE A 14 0.05 7.11 2.26
HG DLE A 14 -0.07 4.13 2.04
HD11 DLE A 14 2.36 4.83 2.40
HD12 DLE A 14 1.63 3.75 3.67
HD13 DLE A 14 1.84 5.50 4.00
HD21 DLE A 14 -0.40 5.38 4.70
HD22 DLE A 14 -1.54 4.36 3.72
HD23 DLE A 14 -1.45 6.14 3.42
N ARG A 15 -2.01 4.59 -0.55
CA ARG A 15 -3.18 3.78 -0.66
C ARG A 15 -4.30 4.59 -0.11
N LYS A 16 -4.05 5.87 -0.31
CA LYS A 16 -4.85 6.95 0.15
C LYS A 16 -5.40 7.62 -1.05
N LYS A 17 -5.11 7.04 -2.23
CA LYS A 17 -5.56 7.64 -3.44
C LYS A 17 -6.19 6.54 -4.30
N GLU A 1 -6.11 -8.28 4.14
CA GLU A 1 -6.04 -8.93 2.80
C GLU A 1 -4.62 -9.18 2.39
N MET A 2 -3.74 -8.18 2.60
CA MET A 2 -2.35 -8.33 2.24
C MET A 2 -1.53 -7.76 3.31
N ARG A 3 -0.29 -8.01 3.05
CA ARG A 3 0.81 -7.62 3.78
C ARG A 3 1.38 -6.47 3.12
N ILE A 4 2.68 -6.35 3.37
CA ILE A 4 3.55 -5.35 2.87
C ILE A 4 3.21 -4.87 1.50
N SER A 5 2.37 -5.59 0.82
CA SER A 5 1.92 -5.28 -0.48
C SER A 5 1.22 -4.00 -0.42
N ARG A 6 0.48 -3.94 0.66
CA ARG A 6 -0.36 -2.87 0.99
C ARG A 6 0.52 -1.73 1.32
N ILE A 7 1.75 -2.10 1.66
CA ILE A 7 2.72 -1.16 2.07
C ILE A 7 3.43 -0.66 0.92
N ILE A 8 3.43 -1.47 -0.09
CA ILE A 8 4.09 -1.08 -1.29
C ILE A 8 3.19 -0.17 -1.88
N LEU A 9 1.97 -0.57 -1.75
CA LEU A 9 0.84 0.12 -2.18
C LEU A 9 0.83 1.40 -1.55
N ASP A 10 1.26 1.43 -0.39
CA ASP A 10 1.27 2.65 0.23
C ASP A 10 2.33 3.44 -0.47
N PHE A 11 3.34 2.80 -0.90
CA PHE A 11 4.44 3.49 -1.52
C PHE A 11 4.11 3.77 -2.88
N LEU A 12 3.03 3.19 -3.24
CA LEU A 12 2.60 3.29 -4.51
C LEU A 12 1.70 4.43 -4.64
N PHE A 13 0.87 4.55 -3.62
CA PHE A 13 -0.16 5.53 -3.68
C PHE A 13 -0.27 6.23 -2.41
N DLE A 14 0.10 5.56 -1.31
CA DLE A 14 -0.06 6.16 -0.01
CB DLE A 14 1.03 6.06 0.99
CG DLE A 14 2.17 6.80 0.48
CD1 DLE A 14 1.85 8.27 0.55
CD2 DLE A 14 3.45 6.35 1.15
C DLE A 14 -1.15 5.51 0.59
O DLE A 14 -1.37 5.59 1.80
H DLE A 14 0.52 4.64 -1.35
HA DLE A 14 -0.32 7.14 -0.20
HB2 DLE A 14 0.68 6.52 1.94
HB3 DLE A 14 1.29 5.01 1.15
HG DLE A 14 2.24 6.52 -0.59
HD11 DLE A 14 2.39 8.75 1.39
HD12 DLE A 14 0.73 8.38 0.72
HD13 DLE A 14 2.11 8.77 -0.40
HD21 DLE A 14 4.24 6.17 0.39
HD22 DLE A 14 3.26 5.38 1.68
HD23 DLE A 14 3.81 7.10 1.87
N ARG A 15 -1.84 4.83 -0.26
CA ARG A 15 -3.00 4.18 0.13
C ARG A 15 -3.85 5.17 0.84
N LYS A 16 -3.58 6.38 0.37
CA LYS A 16 -4.14 7.59 0.84
C LYS A 16 -5.12 8.05 -0.16
N LYS A 17 -5.26 7.26 -1.23
CA LYS A 17 -6.12 7.62 -2.29
C LYS A 17 -7.17 6.51 -2.46
#